data_5Y6I
#
_entry.id   5Y6I
#
_cell.length_a   60.129
_cell.length_b   80.520
_cell.length_c   116.755
_cell.angle_alpha   90.00
_cell.angle_beta   90.00
_cell.angle_gamma   90.00
#
_symmetry.space_group_name_H-M   'P 21 2 21'
#
loop_
_entity.id
_entity.type
_entity.pdbx_description
1 polymer 'Transcriptional regulator KdgR'
2 water water
#
_entity_poly.entity_id   1
_entity_poly.type   'polypeptide(L)'
_entity_poly.pdbx_seq_one_letter_code
;MEKNSSPAETSGKQKVRSAEVGTDILKALAELSPATSLSRLAEHVGMPASKVHRYLQALIASGFAVQDASTNHYSLGREA
LRVGLAALDSMDVLKSAAAPLAELRDVLNETCFLAVWGNRGATVVQVEQAVRAVTVVTQVGSVLPLLGSSTGLVFAAFLP
EREVAELREEELAGRADHPLADPAAYAVLLEGIRARGLHAIHGLLMPGVEALSAPVFDARGRVAAVLTVVGPASIFQAEE
QGPAAERLLATTRAISWRMGYDGTQGG
;
_entity_poly.pdbx_strand_id   A,B
#
# COMPACT_ATOMS: atom_id res chain seq x y z
N VAL A 16 14.93 12.36 25.99
CA VAL A 16 15.51 11.11 26.45
C VAL A 16 14.61 9.91 26.11
N ARG A 17 14.54 8.97 27.06
CA ARG A 17 13.87 7.68 26.88
C ARG A 17 12.42 7.78 26.43
N SER A 18 11.78 8.93 26.68
CA SER A 18 10.33 9.01 26.55
C SER A 18 9.85 8.87 25.10
N ALA A 19 10.70 9.17 24.13
CA ALA A 19 10.28 9.03 22.74
C ALA A 19 9.99 7.57 22.40
N GLU A 20 10.82 6.66 22.93
CA GLU A 20 10.63 5.24 22.64
C GLU A 20 9.29 4.76 23.19
N VAL A 21 9.04 4.99 24.48
CA VAL A 21 7.83 4.51 25.11
C VAL A 21 6.59 5.07 24.41
N GLY A 22 6.64 6.32 23.99
CA GLY A 22 5.55 6.90 23.25
C GLY A 22 5.17 6.09 22.03
N THR A 23 6.09 5.91 21.09
CA THR A 23 5.71 5.18 19.89
C THR A 23 5.68 3.68 20.13
N ASP A 24 6.40 3.18 21.13
CA ASP A 24 6.18 1.80 21.53
C ASP A 24 4.72 1.58 21.95
N ILE A 25 4.09 2.60 22.54
CA ILE A 25 2.68 2.50 22.86
C ILE A 25 1.84 2.62 21.60
N LEU A 26 2.18 3.55 20.72
CA LEU A 26 1.44 3.70 19.47
C LEU A 26 1.50 2.41 18.67
N LYS A 27 2.64 1.73 18.72
CA LYS A 27 2.79 0.51 17.96
C LYS A 27 1.89 -0.59 18.52
N ALA A 28 1.70 -0.61 19.83
CA ALA A 28 0.84 -1.65 20.38
C ALA A 28 -0.63 -1.31 20.29
N LEU A 29 -0.97 -0.02 20.24
CA LEU A 29 -2.34 0.37 19.97
C LEU A 29 -2.77 -0.10 18.58
N ALA A 30 -1.92 0.13 17.58
CA ALA A 30 -2.19 -0.36 16.22
C ALA A 30 -2.35 -1.88 16.20
N GLU A 31 -1.47 -2.55 16.93
CA GLU A 31 -1.50 -3.98 17.02
C GLU A 31 -2.78 -4.46 17.67
N LEU A 32 -3.41 -3.62 18.48
CA LEU A 32 -4.62 -4.03 19.15
C LEU A 32 -5.88 -3.69 18.41
N SER A 33 -5.98 -4.26 17.23
CA SER A 33 -7.13 -4.14 16.39
C SER A 33 -7.58 -2.71 16.31
N PRO A 34 -8.88 -2.50 16.50
CA PRO A 34 -9.52 -1.21 16.37
C PRO A 34 -9.76 -0.49 17.64
N ALA A 35 -9.92 -1.20 18.73
CA ALA A 35 -10.21 -0.50 19.98
C ALA A 35 -9.64 -1.32 21.12
N THR A 36 -9.12 -0.64 22.15
CA THR A 36 -8.50 -1.38 23.25
C THR A 36 -8.77 -0.67 24.58
N SER A 37 -8.81 -1.48 25.65
CA SER A 37 -8.85 -0.95 27.01
C SER A 37 -7.43 -0.77 27.55
N LEU A 38 -7.32 -0.09 28.70
CA LEU A 38 -6.00 0.21 29.25
C LEU A 38 -5.28 -1.07 29.66
N SER A 39 -5.95 -1.94 30.41
CA SER A 39 -5.31 -3.15 30.91
C SER A 39 -4.80 -4.05 29.78
N ARG A 40 -5.57 -4.16 28.69
CA ARG A 40 -5.12 -4.95 27.55
C ARG A 40 -3.93 -4.27 26.88
N LEU A 41 -3.92 -2.94 26.88
CA LEU A 41 -2.82 -2.17 26.29
C LEU A 41 -1.53 -2.35 27.08
N ALA A 42 -1.56 -2.09 28.39
CA ALA A 42 -0.35 -2.18 29.20
C ALA A 42 0.16 -3.60 29.25
N GLU A 43 -0.74 -4.59 29.17
CA GLU A 43 -0.30 -5.98 29.12
C GLU A 43 0.40 -6.30 27.81
N HIS A 44 0.02 -5.62 26.72
CA HIS A 44 0.68 -5.85 25.45
C HIS A 44 2.10 -5.32 25.47
N VAL A 45 2.27 -4.02 25.74
CA VAL A 45 3.60 -3.42 25.79
C VAL A 45 4.36 -3.70 27.07
N GLY A 46 3.81 -4.46 28.00
CA GLY A 46 4.52 -4.80 29.23
C GLY A 46 4.98 -3.64 30.09
N MET A 47 4.15 -2.65 30.31
CA MET A 47 4.45 -1.57 31.22
C MET A 47 3.31 -1.38 32.21
N PRO A 48 3.60 -0.77 33.37
CA PRO A 48 2.52 -0.51 34.35
C PRO A 48 1.39 0.30 33.75
N ALA A 49 0.16 0.00 34.19
CA ALA A 49 -1.02 0.66 33.62
C ALA A 49 -0.94 2.17 33.79
N SER A 50 -0.35 2.63 34.89
CA SER A 50 -0.32 4.07 35.17
C SER A 50 0.55 4.82 34.18
N LYS A 51 1.75 4.31 33.89
CA LYS A 51 2.57 4.96 32.87
C LYS A 51 1.89 4.93 31.50
N VAL A 52 1.18 3.85 31.17
CA VAL A 52 0.50 3.82 29.88
C VAL A 52 -0.57 4.91 29.84
N HIS A 53 -1.39 4.99 30.88
CA HIS A 53 -2.40 6.04 30.92
C HIS A 53 -1.78 7.44 30.77
N ARG A 54 -0.61 7.67 31.37
CA ARG A 54 0.02 8.98 31.26
C ARG A 54 0.39 9.30 29.83
N TYR A 55 1.06 8.36 29.15
CA TYR A 55 1.49 8.59 27.77
C TYR A 55 0.32 8.52 26.81
N LEU A 56 -0.72 7.74 27.12
CA LEU A 56 -1.95 7.78 26.32
C LEU A 56 -2.45 9.21 26.21
N GLN A 57 -2.55 9.92 27.34
CA GLN A 57 -3.01 11.31 27.34
C GLN A 57 -2.23 12.15 26.32
N ALA A 58 -0.90 12.05 26.32
CA ALA A 58 -0.11 12.79 25.33
C ALA A 58 -0.49 12.39 23.90
N LEU A 59 -0.59 11.07 23.64
CA LEU A 59 -0.93 10.61 22.29
C LEU A 59 -2.32 11.05 21.86
N ILE A 60 -3.24 11.23 22.81
CA ILE A 60 -4.56 11.76 22.45
C ILE A 60 -4.48 13.24 22.13
N ALA A 61 -3.74 14.02 22.94
CA ALA A 61 -3.44 15.41 22.59
C ALA A 61 -2.85 15.52 21.20
N SER A 62 -1.79 14.76 20.91
CA SER A 62 -1.12 14.88 19.62
C SER A 62 -1.96 14.36 18.45
N GLY A 63 -3.18 13.89 18.70
CA GLY A 63 -4.02 13.34 17.66
C GLY A 63 -3.66 11.93 17.23
N PHE A 64 -2.58 11.37 17.77
CA PHE A 64 -2.14 10.04 17.38
C PHE A 64 -3.03 8.95 17.96
N ALA A 65 -3.89 9.29 18.92
CA ALA A 65 -4.83 8.34 19.48
C ALA A 65 -6.11 9.07 19.84
N VAL A 66 -7.20 8.30 19.98
CA VAL A 66 -8.49 8.84 20.41
C VAL A 66 -9.11 7.85 21.39
N GLN A 67 -10.08 8.34 22.15
CA GLN A 67 -10.84 7.54 23.09
C GLN A 67 -12.32 7.70 22.69
N ASP A 68 -13.00 6.59 22.46
CA ASP A 68 -14.37 6.66 21.93
C ASP A 68 -15.31 7.18 23.00
N ALA A 69 -16.31 7.95 22.58
CA ALA A 69 -17.10 8.74 23.53
C ALA A 69 -18.05 7.88 24.36
N SER A 70 -18.55 6.77 23.83
CA SER A 70 -19.54 5.98 24.57
C SER A 70 -18.99 4.68 25.15
N THR A 71 -17.85 4.21 24.65
CA THR A 71 -17.27 2.96 25.11
C THR A 71 -15.95 3.17 25.87
N ASN A 72 -15.34 4.35 25.75
CA ASN A 72 -14.08 4.71 26.39
C ASN A 72 -12.89 3.94 25.85
N HIS A 73 -13.06 3.23 24.74
CA HIS A 73 -11.95 2.45 24.21
C HIS A 73 -10.96 3.37 23.51
N TYR A 74 -9.70 2.94 23.52
CA TYR A 74 -8.61 3.67 22.87
C TYR A 74 -8.37 3.12 21.48
N SER A 75 -8.12 4.02 20.54
CA SER A 75 -7.84 3.63 19.17
C SER A 75 -6.90 4.64 18.54
N LEU A 76 -6.52 4.39 17.29
CA LEU A 76 -5.59 5.27 16.63
C LEU A 76 -6.28 6.54 16.19
N GLY A 77 -5.57 7.66 16.34
CA GLY A 77 -6.09 8.93 15.89
C GLY A 77 -5.82 9.17 14.41
N ARG A 78 -6.32 10.31 13.93
CA ARG A 78 -6.10 10.70 12.54
C ARG A 78 -4.63 10.99 12.26
N GLU A 79 -3.88 11.45 13.26
CA GLU A 79 -2.43 11.58 13.07
C GLU A 79 -1.79 10.22 12.79
N ALA A 80 -2.27 9.18 13.46
CA ALA A 80 -1.79 7.84 13.15
C ALA A 80 -2.10 7.48 11.70
N LEU A 81 -3.29 7.83 11.23
CA LEU A 81 -3.67 7.51 9.86
C LEU A 81 -2.82 8.29 8.86
N ARG A 82 -2.56 9.57 9.12
CA ARG A 82 -1.93 10.39 8.10
C ARG A 82 -0.46 10.01 7.90
N VAL A 83 0.25 9.71 9.00
CA VAL A 83 1.61 9.21 8.91
C VAL A 83 1.63 7.89 8.14
N GLY A 84 0.72 6.99 8.51
CA GLY A 84 0.64 5.70 7.86
C GLY A 84 0.37 5.80 6.37
N LEU A 85 -0.52 6.69 5.97
CA LEU A 85 -0.80 6.85 4.54
C LEU A 85 0.39 7.47 3.82
N ALA A 86 1.18 8.29 4.51
CA ALA A 86 2.42 8.79 3.92
C ALA A 86 3.38 7.63 3.68
N ALA A 87 3.48 6.73 4.66
CA ALA A 87 4.29 5.53 4.51
C ALA A 87 3.85 4.72 3.30
N LEU A 88 2.55 4.39 3.25
CA LEU A 88 2.04 3.55 2.17
C LEU A 88 2.20 4.22 0.81
N ASP A 89 2.11 5.54 0.74
CA ASP A 89 2.43 6.23 -0.49
C ASP A 89 3.92 6.16 -0.81
N SER A 90 4.75 5.75 0.13
CA SER A 90 6.18 5.73 -0.09
C SER A 90 6.74 4.35 -0.40
N MET A 91 5.95 3.28 -0.27
CA MET A 91 6.43 1.95 -0.57
C MET A 91 7.04 1.92 -1.97
N ASP A 92 8.15 1.18 -2.11
CA ASP A 92 8.82 1.04 -3.41
C ASP A 92 9.67 -0.23 -3.34
N VAL A 93 9.17 -1.32 -3.92
CA VAL A 93 9.92 -2.56 -3.90
C VAL A 93 11.25 -2.40 -4.60
N LEU A 94 11.39 -1.44 -5.51
CA LEU A 94 12.68 -1.27 -6.16
C LEU A 94 13.70 -0.72 -5.20
N LYS A 95 13.28 0.20 -4.32
CA LYS A 95 14.16 0.69 -3.25
C LYS A 95 14.46 -0.41 -2.24
N SER A 96 13.42 -1.00 -1.64
CA SER A 96 13.64 -1.91 -0.52
C SER A 96 14.42 -3.16 -0.94
N ALA A 97 14.33 -3.56 -2.21
CA ALA A 97 14.94 -4.82 -2.64
C ALA A 97 16.40 -4.69 -3.03
N ALA A 98 16.86 -3.48 -3.38
CA ALA A 98 18.14 -3.32 -4.03
C ALA A 98 19.30 -3.89 -3.21
N ALA A 99 19.30 -3.64 -1.89
CA ALA A 99 20.39 -4.18 -1.07
C ALA A 99 20.29 -5.68 -0.90
N PRO A 100 19.17 -6.25 -0.45
CA PRO A 100 19.13 -7.71 -0.24
C PRO A 100 19.33 -8.53 -1.52
N LEU A 101 18.99 -7.99 -2.69
CA LEU A 101 19.28 -8.67 -3.94
C LEU A 101 20.79 -8.88 -4.08
N ALA A 102 21.55 -7.82 -3.84
CA ALA A 102 23.00 -7.90 -3.98
C ALA A 102 23.60 -8.80 -2.92
N GLU A 103 23.03 -8.81 -1.73
CA GLU A 103 23.50 -9.72 -0.68
C GLU A 103 23.19 -11.16 -1.07
N LEU A 104 21.99 -11.44 -1.59
CA LEU A 104 21.69 -12.80 -1.98
C LEU A 104 22.61 -13.26 -3.09
N ARG A 105 22.93 -12.36 -4.02
CA ARG A 105 23.89 -12.71 -5.05
C ARG A 105 25.23 -13.09 -4.43
N ASP A 106 25.68 -12.35 -3.42
CA ASP A 106 27.02 -12.56 -2.90
C ASP A 106 27.14 -13.85 -2.09
N VAL A 107 26.04 -14.35 -1.53
CA VAL A 107 26.12 -15.60 -0.78
C VAL A 107 26.01 -16.81 -1.70
N LEU A 108 25.21 -16.73 -2.76
CA LEU A 108 25.11 -17.82 -3.72
C LEU A 108 26.16 -17.75 -4.81
N ASN A 109 26.74 -16.57 -5.04
CA ASN A 109 27.46 -16.27 -6.26
C ASN A 109 26.71 -16.81 -7.47
N GLU A 110 25.41 -16.51 -7.52
CA GLU A 110 24.58 -16.81 -8.66
C GLU A 110 23.82 -15.55 -9.05
N THR A 111 23.47 -15.44 -10.34
CA THR A 111 22.79 -14.24 -10.79
C THR A 111 21.37 -14.21 -10.25
N CYS A 112 21.03 -13.16 -9.50
CA CYS A 112 19.69 -12.92 -9.00
C CYS A 112 19.10 -11.69 -9.68
N PHE A 113 17.79 -11.71 -9.92
CA PHE A 113 17.14 -10.59 -10.58
C PHE A 113 15.78 -10.31 -9.94
N LEU A 114 15.31 -9.07 -10.13
CA LEU A 114 14.00 -8.64 -9.68
C LEU A 114 13.15 -8.33 -10.90
N ALA A 115 11.94 -8.86 -10.92
CA ALA A 115 10.97 -8.58 -11.96
C ALA A 115 9.69 -8.06 -11.34
N VAL A 116 9.03 -7.16 -12.05
CA VAL A 116 7.70 -6.67 -11.71
C VAL A 116 6.77 -6.94 -12.88
N TRP A 117 5.47 -6.72 -12.65
CA TRP A 117 4.44 -7.05 -13.63
C TRP A 117 4.09 -5.80 -14.44
N GLY A 118 4.33 -5.88 -15.75
CA GLY A 118 4.09 -4.77 -16.64
C GLY A 118 3.08 -5.15 -17.71
N ASN A 119 2.78 -4.22 -18.59
CA ASN A 119 1.82 -4.48 -19.65
C ASN A 119 2.10 -5.73 -20.50
N ARG A 120 3.29 -6.30 -20.41
CA ARG A 120 3.57 -7.51 -21.17
C ARG A 120 3.95 -8.65 -20.32
N GLY A 121 3.74 -8.55 -19.01
CA GLY A 121 4.08 -9.64 -18.13
C GLY A 121 5.36 -9.42 -17.38
N ALA A 122 5.98 -10.49 -16.96
CA ALA A 122 7.19 -10.40 -16.20
C ALA A 122 8.21 -9.58 -16.93
N THR A 123 8.68 -8.56 -16.26
CA THR A 123 9.65 -7.65 -16.85
C THR A 123 10.81 -7.50 -15.88
N VAL A 124 12.01 -7.85 -16.32
CA VAL A 124 13.19 -7.79 -15.46
C VAL A 124 13.65 -6.34 -15.39
N VAL A 125 13.69 -5.79 -14.17
CA VAL A 125 13.99 -4.38 -13.97
C VAL A 125 15.28 -4.15 -13.21
N GLN A 126 15.97 -5.20 -12.78
CA GLN A 126 17.14 -5.04 -11.92
C GLN A 126 17.83 -6.39 -11.76
N VAL A 127 19.18 -6.40 -11.88
CA VAL A 127 19.93 -7.63 -12.02
C VAL A 127 21.26 -7.55 -11.27
N GLU A 128 21.55 -8.56 -10.45
CA GLU A 128 22.85 -8.70 -9.82
C GLU A 128 23.53 -9.93 -10.40
N GLN A 129 24.59 -9.73 -11.17
CA GLN A 129 25.21 -10.84 -11.87
C GLN A 129 26.19 -11.57 -10.97
N ALA A 130 26.43 -12.83 -11.30
CA ALA A 130 27.51 -13.57 -10.69
C ALA A 130 28.81 -13.25 -11.40
N VAL A 131 29.87 -13.05 -10.63
CA VAL A 131 31.19 -12.84 -11.22
C VAL A 131 31.86 -14.20 -11.25
N ARG A 132 31.79 -14.85 -12.40
CA ARG A 132 32.59 -16.02 -12.68
C ARG A 132 33.19 -15.84 -14.06
N ALA A 133 34.21 -16.65 -14.37
CA ALA A 133 34.88 -16.59 -15.66
C ALA A 133 33.89 -16.33 -16.79
N VAL A 134 32.81 -17.08 -16.81
CA VAL A 134 31.72 -16.86 -17.76
C VAL A 134 30.43 -17.20 -17.03
N THR A 135 29.40 -16.36 -17.18
CA THR A 135 28.13 -16.64 -16.50
C THR A 135 26.95 -16.28 -17.38
N VAL A 136 25.85 -16.96 -17.16
CA VAL A 136 24.57 -16.65 -17.79
C VAL A 136 23.87 -15.59 -16.97
N VAL A 137 23.03 -14.80 -17.66
CA VAL A 137 22.38 -13.64 -17.08
C VAL A 137 21.02 -13.47 -17.74
N THR A 138 20.10 -12.85 -17.01
CA THR A 138 19.08 -12.08 -17.68
C THR A 138 19.61 -10.67 -17.81
N GLN A 139 18.93 -9.82 -18.56
CA GLN A 139 19.31 -8.42 -18.56
C GLN A 139 18.10 -7.56 -18.24
N VAL A 140 18.39 -6.43 -17.61
CA VAL A 140 17.36 -5.46 -17.27
C VAL A 140 16.63 -5.11 -18.56
N GLY A 141 15.30 -5.12 -18.50
CA GLY A 141 14.49 -4.91 -19.69
C GLY A 141 14.03 -6.16 -20.37
N SER A 142 14.50 -7.33 -19.94
CA SER A 142 14.02 -8.58 -20.55
C SER A 142 12.61 -8.85 -20.05
N VAL A 143 11.75 -9.28 -20.96
CA VAL A 143 10.41 -9.76 -20.64
C VAL A 143 10.44 -11.28 -20.77
N LEU A 144 10.04 -11.99 -19.69
CA LEU A 144 10.10 -13.45 -19.67
C LEU A 144 8.72 -14.04 -19.99
N PRO A 145 8.64 -15.31 -20.38
CA PRO A 145 7.33 -15.88 -20.74
C PRO A 145 6.49 -16.14 -19.50
N LEU A 146 5.16 -16.13 -19.69
CA LEU A 146 4.29 -16.37 -18.55
C LEU A 146 4.37 -17.81 -18.07
N LEU A 147 4.34 -18.76 -18.98
CA LEU A 147 4.36 -20.16 -18.61
C LEU A 147 5.69 -20.87 -18.84
N GLY A 148 6.67 -20.20 -19.45
CA GLY A 148 7.93 -20.84 -19.78
C GLY A 148 9.07 -20.51 -18.84
N SER A 149 8.87 -19.56 -17.93
CA SER A 149 9.90 -19.15 -16.98
C SER A 149 9.42 -19.33 -15.54
N SER A 150 10.37 -19.35 -14.61
CA SER A 150 10.01 -19.49 -13.20
C SER A 150 9.45 -18.19 -12.66
N THR A 151 9.94 -17.07 -13.16
CA THR A 151 9.40 -15.77 -12.82
C THR A 151 7.94 -15.64 -13.28
N GLY A 152 7.64 -16.14 -14.47
CA GLY A 152 6.29 -16.05 -14.98
C GLY A 152 5.32 -16.94 -14.25
N LEU A 153 5.81 -18.09 -13.74
CA LEU A 153 4.91 -19.00 -13.04
C LEU A 153 4.52 -18.46 -11.67
N VAL A 154 5.46 -17.83 -10.95
CA VAL A 154 5.11 -17.26 -9.66
C VAL A 154 4.05 -16.18 -9.85
N PHE A 155 4.27 -15.27 -10.80
CA PHE A 155 3.23 -14.29 -11.15
C PHE A 155 1.87 -14.98 -11.37
N ALA A 156 1.80 -15.92 -12.31
CA ALA A 156 0.53 -16.62 -12.54
C ALA A 156 0.00 -17.26 -11.27
N ALA A 157 0.90 -17.70 -10.39
CA ALA A 157 0.42 -18.36 -9.18
C ALA A 157 -0.26 -17.37 -8.24
N PHE A 158 0.20 -16.12 -8.22
CA PHE A 158 -0.22 -15.19 -7.19
C PHE A 158 -1.09 -14.03 -7.68
N LEU A 159 -1.01 -13.63 -8.93
CA LEU A 159 -1.86 -12.55 -9.40
C LEU A 159 -3.25 -13.06 -9.75
N PRO A 160 -4.24 -12.17 -9.77
CA PRO A 160 -5.56 -12.57 -10.25
C PRO A 160 -5.51 -13.21 -11.63
N GLU A 161 -6.46 -14.10 -11.86
CA GLU A 161 -6.58 -14.75 -13.15
C GLU A 161 -6.84 -13.72 -14.25
N ARG A 162 -7.45 -12.60 -13.88
CA ARG A 162 -7.96 -11.66 -14.87
C ARG A 162 -6.84 -10.85 -15.52
N GLU A 163 -5.80 -10.50 -14.77
CA GLU A 163 -4.74 -9.72 -15.38
C GLU A 163 -3.60 -10.58 -15.95
N VAL A 164 -3.74 -11.90 -15.93
CA VAL A 164 -2.78 -12.75 -16.62
C VAL A 164 -3.36 -13.39 -17.88
N ALA A 165 -4.68 -13.57 -17.93
CA ALA A 165 -5.28 -14.48 -18.90
C ALA A 165 -5.05 -14.02 -20.34
N GLU A 166 -5.18 -12.72 -20.61
CA GLU A 166 -5.09 -12.27 -22.00
C GLU A 166 -3.73 -12.58 -22.58
N LEU A 167 -2.65 -12.13 -21.93
CA LEU A 167 -1.33 -12.43 -22.45
C LEU A 167 -1.08 -13.93 -22.45
N ARG A 168 -1.60 -14.64 -21.44
CA ARG A 168 -1.51 -16.10 -21.49
C ARG A 168 -2.21 -16.67 -22.71
N GLU A 169 -3.33 -16.07 -23.12
CA GLU A 169 -4.00 -16.53 -24.33
C GLU A 169 -3.26 -16.12 -25.59
N GLU A 170 -2.59 -14.96 -25.57
CA GLU A 170 -1.73 -14.64 -26.71
C GLU A 170 -0.56 -15.62 -26.82
N GLU A 171 -0.15 -16.19 -25.69
CA GLU A 171 1.01 -17.08 -25.64
C GLU A 171 0.70 -18.44 -26.24
N LEU A 172 -0.54 -18.92 -26.09
CA LEU A 172 -0.90 -20.26 -26.55
C LEU A 172 -1.32 -20.30 -28.02
N ALA A 173 -1.06 -19.25 -28.79
CA ALA A 173 -1.13 -19.35 -30.23
C ALA A 173 0.20 -19.68 -30.87
N GLY A 174 1.31 -19.40 -30.18
CA GLY A 174 2.64 -19.61 -30.72
C GLY A 174 3.14 -21.05 -30.65
N ALA A 181 -0.95 -28.79 -23.41
CA ALA A 181 -2.30 -28.49 -22.92
C ALA A 181 -2.43 -28.76 -21.42
N ASP A 182 -3.43 -29.55 -21.07
CA ASP A 182 -3.78 -29.95 -19.70
C ASP A 182 -4.01 -28.76 -18.79
N PRO A 183 -5.15 -28.07 -18.93
CA PRO A 183 -5.54 -27.07 -17.93
C PRO A 183 -5.61 -27.63 -16.52
N ALA A 184 -6.12 -28.85 -16.36
CA ALA A 184 -6.17 -29.48 -15.04
C ALA A 184 -4.81 -29.44 -14.35
N ALA A 185 -3.80 -30.06 -14.99
CA ALA A 185 -2.44 -30.01 -14.45
C ALA A 185 -2.00 -28.57 -14.21
N TYR A 186 -2.37 -27.66 -15.11
CA TYR A 186 -2.01 -26.25 -14.91
C TYR A 186 -2.56 -25.74 -13.58
N ALA A 187 -3.82 -26.06 -13.29
CA ALA A 187 -4.45 -25.57 -12.07
C ALA A 187 -3.85 -26.21 -10.83
N VAL A 188 -3.43 -27.48 -10.92
CA VAL A 188 -2.81 -28.10 -9.75
C VAL A 188 -1.41 -27.51 -9.51
N LEU A 189 -0.75 -27.05 -10.57
CA LEU A 189 0.60 -26.53 -10.38
C LEU A 189 0.58 -25.15 -9.71
N LEU A 190 -0.37 -24.29 -10.09
CA LEU A 190 -0.47 -22.97 -9.45
C LEU A 190 -0.86 -23.10 -7.98
N GLU A 191 -1.70 -24.07 -7.65
CA GLU A 191 -1.96 -24.35 -6.24
C GLU A 191 -0.70 -24.84 -5.54
N GLY A 192 0.20 -25.50 -6.27
CA GLY A 192 1.44 -25.94 -5.67
C GLY A 192 2.36 -24.79 -5.36
N ILE A 193 2.51 -23.86 -6.31
CA ILE A 193 3.44 -22.75 -6.12
C ILE A 193 3.04 -21.90 -4.90
N ARG A 194 1.74 -21.86 -4.56
CA ARG A 194 1.34 -21.14 -3.35
C ARG A 194 1.58 -21.95 -2.09
N ALA A 195 1.10 -23.20 -2.08
CA ALA A 195 1.37 -24.06 -0.94
C ALA A 195 2.84 -24.01 -0.54
N ARG A 196 3.74 -23.82 -1.52
CA ARG A 196 5.18 -23.91 -1.32
C ARG A 196 5.87 -22.56 -1.29
N GLY A 197 5.28 -21.54 -1.89
CA GLY A 197 5.81 -20.20 -1.79
C GLY A 197 6.96 -19.86 -2.72
N LEU A 198 7.46 -20.82 -3.50
CA LEU A 198 8.44 -20.52 -4.54
C LEU A 198 8.25 -21.53 -5.68
N HIS A 199 9.09 -21.40 -6.70
CA HIS A 199 9.03 -22.35 -7.82
C HIS A 199 10.39 -22.49 -8.47
N ALA A 200 10.75 -23.73 -8.79
CA ALA A 200 11.96 -24.09 -9.51
C ALA A 200 11.62 -24.53 -10.93
N ILE A 201 12.53 -24.23 -11.86
CA ILE A 201 12.42 -24.70 -13.24
C ILE A 201 13.78 -25.19 -13.71
N HIS A 202 13.77 -26.32 -14.42
CA HIS A 202 14.99 -26.94 -14.93
C HIS A 202 14.99 -26.72 -16.45
N GLY A 203 15.54 -25.58 -16.88
CA GLY A 203 15.70 -25.32 -18.30
C GLY A 203 14.45 -25.01 -19.07
N LEU A 204 13.30 -24.89 -18.40
CA LEU A 204 12.03 -24.64 -19.08
C LEU A 204 12.13 -23.45 -20.04
N LEU A 205 12.77 -22.37 -19.63
CA LEU A 205 12.95 -21.24 -20.55
C LEU A 205 14.10 -21.49 -21.52
N MET A 206 15.19 -22.12 -21.05
CA MET A 206 16.30 -22.51 -21.91
C MET A 206 17.06 -23.67 -21.29
N PRO A 207 17.07 -24.84 -21.93
CA PRO A 207 17.55 -26.04 -21.26
C PRO A 207 19.00 -25.90 -20.87
N GLY A 208 19.35 -26.44 -19.73
CA GLY A 208 20.65 -26.18 -19.18
C GLY A 208 20.75 -24.95 -18.31
N VAL A 209 19.71 -24.14 -18.19
CA VAL A 209 19.73 -23.06 -17.20
C VAL A 209 18.58 -23.30 -16.23
N GLU A 210 18.92 -23.33 -14.95
CA GLU A 210 17.96 -23.58 -13.88
C GLU A 210 17.70 -22.29 -13.12
N ALA A 211 16.42 -22.01 -12.87
CA ALA A 211 16.02 -20.81 -12.15
C ALA A 211 15.25 -21.20 -10.90
N LEU A 212 15.09 -20.20 -10.03
CA LEU A 212 14.35 -20.35 -8.80
C LEU A 212 13.71 -19.00 -8.52
N SER A 213 12.46 -19.01 -8.07
CA SER A 213 11.66 -17.80 -8.01
C SER A 213 10.75 -17.81 -6.79
N ALA A 214 10.66 -16.65 -6.13
CA ALA A 214 9.77 -16.41 -5.01
C ALA A 214 9.16 -15.03 -5.14
N PRO A 215 7.98 -14.82 -4.59
CA PRO A 215 7.31 -13.52 -4.71
C PRO A 215 7.59 -12.60 -3.53
N VAL A 216 7.48 -11.30 -3.82
CA VAL A 216 7.63 -10.22 -2.84
C VAL A 216 6.32 -9.44 -2.73
N PHE A 217 5.85 -9.24 -1.50
CA PHE A 217 4.55 -8.66 -1.20
C PHE A 217 4.68 -7.27 -0.60
N ASP A 218 3.66 -6.44 -0.80
CA ASP A 218 3.67 -5.14 -0.15
C ASP A 218 2.87 -5.23 1.14
N ALA A 219 2.81 -4.09 1.84
CA ALA A 219 2.05 -3.99 3.08
C ALA A 219 0.66 -4.59 2.95
N ARG A 220 0.00 -4.38 1.82
CA ARG A 220 -1.38 -4.83 1.67
C ARG A 220 -1.48 -6.25 1.14
N GLY A 221 -0.35 -6.93 0.98
CA GLY A 221 -0.31 -8.29 0.50
C GLY A 221 -0.26 -8.44 -1.00
N ARG A 222 -0.15 -7.35 -1.74
CA ARG A 222 -0.21 -7.42 -3.19
C ARG A 222 1.16 -7.81 -3.71
N VAL A 223 1.18 -8.58 -4.79
CA VAL A 223 2.47 -9.00 -5.32
C VAL A 223 3.20 -7.76 -5.84
N ALA A 224 4.34 -7.46 -5.23
CA ALA A 224 5.13 -6.29 -5.58
C ALA A 224 6.13 -6.61 -6.69
N ALA A 225 6.76 -7.77 -6.57
CA ALA A 225 7.80 -8.21 -7.49
C ALA A 225 7.98 -9.72 -7.32
N VAL A 226 8.84 -10.28 -8.17
CA VAL A 226 9.33 -11.64 -8.04
C VAL A 226 10.85 -11.58 -8.05
N LEU A 227 11.48 -12.31 -7.14
CA LEU A 227 12.92 -12.34 -7.02
C LEU A 227 13.36 -13.77 -7.34
N THR A 228 14.50 -13.89 -8.02
CA THR A 228 14.76 -15.07 -8.82
C THR A 228 16.25 -15.32 -8.94
N VAL A 229 16.66 -16.58 -8.76
CA VAL A 229 18.05 -16.99 -8.87
C VAL A 229 18.19 -17.87 -10.10
N VAL A 230 19.33 -17.78 -10.78
CA VAL A 230 19.44 -18.45 -12.07
C VAL A 230 20.90 -18.80 -12.35
N GLY A 231 21.09 -19.90 -13.10
CA GLY A 231 22.39 -20.46 -13.35
C GLY A 231 22.33 -21.86 -13.92
N PRO A 232 23.29 -22.21 -14.78
CA PRO A 232 23.27 -23.54 -15.42
C PRO A 232 23.38 -24.69 -14.43
N ALA A 233 22.96 -25.88 -14.90
CA ALA A 233 22.71 -27.04 -14.04
C ALA A 233 23.93 -27.47 -13.24
N SER A 234 25.11 -27.41 -13.87
CA SER A 234 26.40 -27.74 -13.26
C SER A 234 26.60 -27.12 -11.88
N ILE A 235 26.80 -25.81 -11.80
CA ILE A 235 27.09 -25.24 -10.48
C ILE A 235 25.83 -25.15 -9.63
N PHE A 236 24.70 -24.75 -10.22
CA PHE A 236 23.49 -24.40 -9.48
C PHE A 236 22.46 -25.52 -9.58
N GLN A 237 22.15 -26.13 -8.44
CA GLN A 237 21.05 -27.06 -8.32
C GLN A 237 19.83 -26.28 -7.86
N ALA A 238 18.84 -26.12 -8.75
CA ALA A 238 17.64 -25.34 -8.46
C ALA A 238 16.57 -26.25 -7.84
N GLU A 239 16.85 -26.68 -6.61
CA GLU A 239 15.94 -27.56 -5.89
C GLU A 239 15.12 -26.74 -4.90
N GLU A 240 13.79 -26.96 -4.90
CA GLU A 240 12.86 -26.15 -4.11
C GLU A 240 13.12 -26.22 -2.62
N GLN A 241 14.02 -27.10 -2.15
CA GLN A 241 14.35 -27.15 -0.74
C GLN A 241 15.86 -27.29 -0.51
N GLY A 242 16.67 -26.67 -1.38
CA GLY A 242 18.10 -26.70 -1.22
C GLY A 242 18.61 -25.36 -0.78
N PRO A 243 19.66 -25.34 0.10
CA PRO A 243 20.11 -24.08 0.71
C PRO A 243 20.00 -22.79 -0.11
N ALA A 244 19.89 -22.86 -1.44
CA ALA A 244 19.57 -21.64 -2.18
C ALA A 244 18.12 -21.20 -1.94
N ALA A 245 17.21 -22.17 -1.80
CA ALA A 245 15.78 -21.87 -1.63
C ALA A 245 15.51 -21.07 -0.36
N GLU A 246 16.08 -21.49 0.77
CA GLU A 246 15.97 -20.76 2.03
C GLU A 246 16.58 -19.37 1.93
N ARG A 247 17.81 -19.27 1.43
CA ARG A 247 18.39 -17.95 1.18
C ARG A 247 17.44 -17.10 0.35
N LEU A 248 16.86 -17.70 -0.69
CA LEU A 248 15.90 -16.98 -1.53
C LEU A 248 14.71 -16.50 -0.72
N LEU A 249 14.13 -17.40 0.08
CA LEU A 249 12.95 -17.07 0.87
C LEU A 249 13.29 -16.09 1.98
N ALA A 250 14.36 -16.35 2.73
CA ALA A 250 14.82 -15.39 3.74
C ALA A 250 14.96 -14.00 3.15
N THR A 251 15.56 -13.90 1.95
CA THR A 251 15.67 -12.60 1.30
C THR A 251 14.29 -12.02 0.98
N THR A 252 13.41 -12.83 0.39
CA THR A 252 12.14 -12.26 -0.06
C THR A 252 11.17 -12.01 1.09
N ARG A 253 11.16 -12.88 2.11
CA ARG A 253 10.41 -12.55 3.32
C ARG A 253 10.96 -11.31 4.00
N ALA A 254 12.27 -11.07 3.90
CA ALA A 254 12.81 -9.85 4.49
C ALA A 254 12.33 -8.62 3.73
N ILE A 255 12.53 -8.61 2.41
CA ILE A 255 12.07 -7.49 1.60
C ILE A 255 10.59 -7.21 1.86
N SER A 256 9.79 -8.28 1.98
CA SER A 256 8.37 -8.11 2.23
C SER A 256 8.12 -7.42 3.55
N TRP A 257 8.61 -8.03 4.64
CA TRP A 257 8.38 -7.49 5.97
C TRP A 257 8.88 -6.06 6.09
N ARG A 258 9.87 -5.67 5.29
CA ARG A 258 10.30 -4.28 5.32
C ARG A 258 9.32 -3.35 4.61
N MET A 259 8.50 -3.90 3.72
CA MET A 259 7.41 -3.15 3.11
C MET A 259 6.12 -3.24 3.91
N GLY A 260 6.14 -3.81 5.10
CA GLY A 260 4.98 -3.76 5.96
C GLY A 260 4.16 -5.02 5.97
N TYR A 261 4.52 -5.99 5.14
CA TYR A 261 3.73 -7.19 4.99
C TYR A 261 3.85 -8.04 6.25
N ASP A 262 2.72 -8.50 6.76
CA ASP A 262 2.67 -9.21 8.04
C ASP A 262 2.98 -10.69 7.92
N GLY A 263 3.24 -11.20 6.72
CA GLY A 263 3.54 -12.61 6.56
C GLY A 263 2.34 -13.53 6.42
N THR A 264 1.13 -12.99 6.26
CA THR A 264 -0.07 -13.78 5.99
C THR A 264 -0.96 -13.12 4.94
N VAL B 16 6.36 12.65 29.12
CA VAL B 16 5.05 13.03 28.64
C VAL B 16 5.17 14.28 27.78
N ARG B 17 6.12 15.16 28.10
CA ARG B 17 6.34 16.32 27.23
C ARG B 17 7.16 15.93 26.01
N SER B 18 8.29 15.26 26.22
CA SER B 18 9.15 14.83 25.13
C SER B 18 8.65 13.55 24.47
N ALA B 19 7.60 12.93 25.04
CA ALA B 19 6.89 11.89 24.34
C ALA B 19 6.33 12.41 23.02
N GLU B 20 5.91 13.67 23.02
CA GLU B 20 5.29 14.28 21.85
C GLU B 20 6.30 14.85 20.86
N VAL B 21 7.51 15.19 21.30
CA VAL B 21 8.48 15.60 20.29
C VAL B 21 8.88 14.41 19.45
N GLY B 22 8.94 13.22 20.05
CA GLY B 22 9.10 12.01 19.27
C GLY B 22 8.12 11.94 18.12
N THR B 23 6.82 11.99 18.43
CA THR B 23 5.80 11.96 17.39
C THR B 23 5.83 13.22 16.53
N ASP B 24 6.30 14.35 17.07
CA ASP B 24 6.46 15.54 16.24
C ASP B 24 7.43 15.28 15.10
N ILE B 25 8.55 14.62 15.39
CA ILE B 25 9.50 14.30 14.34
C ILE B 25 8.89 13.31 13.37
N LEU B 26 8.11 12.34 13.88
CA LEU B 26 7.35 11.46 13.00
C LEU B 26 6.53 12.25 11.98
N LYS B 27 5.83 13.32 12.42
CA LYS B 27 4.93 14.01 11.50
C LYS B 27 5.70 14.81 10.47
N ALA B 28 6.84 15.38 10.86
CA ALA B 28 7.71 16.01 9.87
C ALA B 28 8.22 14.98 8.87
N LEU B 29 8.68 13.82 9.36
CA LEU B 29 9.11 12.75 8.47
C LEU B 29 8.02 12.43 7.45
N ALA B 30 6.76 12.43 7.87
CA ALA B 30 5.68 12.18 6.91
C ALA B 30 5.56 13.34 5.92
N GLU B 31 5.47 14.57 6.42
CA GLU B 31 5.31 15.71 5.51
C GLU B 31 6.43 15.78 4.49
N LEU B 32 7.63 15.37 4.89
CA LEU B 32 8.81 15.50 4.05
C LEU B 32 9.15 14.20 3.33
N SER B 33 8.29 13.20 3.40
CA SER B 33 8.55 11.92 2.76
C SER B 33 8.57 12.09 1.23
N PRO B 34 9.23 11.16 0.50
CA PRO B 34 9.83 9.87 0.86
C PRO B 34 11.11 9.93 1.71
N ALA B 35 12.02 10.88 1.45
CA ALA B 35 13.27 10.92 2.19
C ALA B 35 13.65 12.35 2.50
N THR B 36 14.51 12.50 3.51
CA THR B 36 15.05 13.80 3.87
C THR B 36 16.43 13.63 4.47
N SER B 37 17.33 14.54 4.10
CA SER B 37 18.52 14.78 4.90
C SER B 37 18.13 15.17 6.32
N LEU B 38 18.94 14.72 7.29
CA LEU B 38 18.70 15.12 8.67
C LEU B 38 18.65 16.63 8.81
N SER B 39 19.58 17.35 8.15
CA SER B 39 19.63 18.80 8.30
C SER B 39 18.35 19.45 7.78
N ARG B 40 17.84 19.00 6.64
CA ARG B 40 16.58 19.55 6.15
C ARG B 40 15.44 19.24 7.12
N LEU B 41 15.44 18.03 7.68
CA LEU B 41 14.44 17.67 8.67
C LEU B 41 14.52 18.58 9.90
N ALA B 42 15.73 18.96 10.33
CA ALA B 42 15.84 19.78 11.53
C ALA B 42 15.35 21.20 11.27
N GLU B 43 15.65 21.76 10.10
CA GLU B 43 15.14 23.08 9.76
C GLU B 43 13.62 23.11 9.78
N HIS B 44 12.99 22.03 9.29
CA HIS B 44 11.52 21.98 9.26
C HIS B 44 10.93 22.08 10.65
N VAL B 45 11.44 21.28 11.60
CA VAL B 45 10.90 21.31 12.95
C VAL B 45 11.44 22.46 13.79
N GLY B 46 12.45 23.18 13.32
CA GLY B 46 13.00 24.29 14.09
C GLY B 46 13.73 23.88 15.36
N MET B 47 14.52 22.81 15.30
CA MET B 47 15.28 22.29 16.43
C MET B 47 16.72 22.04 16.02
N PRO B 48 17.63 21.95 16.98
CA PRO B 48 19.02 21.60 16.65
C PRO B 48 19.14 20.24 15.98
N ALA B 49 20.09 20.14 15.04
CA ALA B 49 20.24 18.92 14.26
C ALA B 49 20.69 17.75 15.13
N SER B 50 21.46 18.03 16.19
CA SER B 50 21.87 16.97 17.12
C SER B 50 20.68 16.43 17.91
N LYS B 51 19.77 17.30 18.33
CA LYS B 51 18.60 16.84 19.08
C LYS B 51 17.69 16.01 18.20
N VAL B 52 17.48 16.46 16.96
CA VAL B 52 16.70 15.67 15.99
C VAL B 52 17.35 14.32 15.76
N HIS B 53 18.67 14.31 15.55
CA HIS B 53 19.35 13.06 15.26
C HIS B 53 19.12 12.03 16.35
N ARG B 54 19.08 12.47 17.61
CA ARG B 54 18.94 11.50 18.71
C ARG B 54 17.52 10.95 18.77
N TYR B 55 16.50 11.82 18.69
CA TYR B 55 15.12 11.33 18.63
C TYR B 55 14.90 10.39 17.45
N LEU B 56 15.59 10.64 16.33
CA LEU B 56 15.46 9.75 15.17
C LEU B 56 15.84 8.31 15.53
N GLN B 57 16.83 8.13 16.40
CA GLN B 57 17.22 6.76 16.73
C GLN B 57 16.17 6.08 17.60
N ALA B 58 15.48 6.83 18.47
CA ALA B 58 14.39 6.25 19.26
C ALA B 58 13.31 5.63 18.37
N LEU B 59 12.94 6.34 17.29
CA LEU B 59 11.94 5.83 16.35
C LEU B 59 12.49 4.73 15.47
N ILE B 60 13.80 4.75 15.20
CA ILE B 60 14.40 3.69 14.39
C ILE B 60 14.38 2.38 15.15
N ALA B 61 14.72 2.42 16.44
CA ALA B 61 14.54 1.23 17.27
C ALA B 61 13.09 0.79 17.29
N SER B 62 12.16 1.74 17.40
CA SER B 62 10.74 1.43 17.33
C SER B 62 10.33 0.91 15.96
N GLY B 63 11.12 1.17 14.92
CA GLY B 63 10.70 0.85 13.57
C GLY B 63 9.75 1.81 12.89
N PHE B 64 9.56 3.02 13.43
CA PHE B 64 8.79 4.05 12.74
C PHE B 64 9.62 4.88 11.78
N ALA B 65 10.93 4.64 11.72
CA ALA B 65 11.81 5.36 10.82
C ALA B 65 12.96 4.45 10.43
N VAL B 66 13.48 4.65 9.22
CA VAL B 66 14.71 3.98 8.78
C VAL B 66 15.68 5.02 8.25
N GLN B 67 16.91 4.57 8.01
CA GLN B 67 18.00 5.39 7.49
C GLN B 67 18.42 4.84 6.13
N ASP B 68 18.31 5.67 5.09
CA ASP B 68 18.49 5.23 3.70
C ASP B 68 19.97 4.98 3.43
N ALA B 69 20.32 4.79 2.16
CA ALA B 69 21.68 4.40 1.79
C ALA B 69 22.69 5.50 2.14
N SER B 70 22.30 6.77 1.92
CA SER B 70 23.05 7.90 2.45
C SER B 70 22.89 7.90 3.97
N THR B 71 23.96 7.59 4.69
CA THR B 71 23.87 7.35 6.14
C THR B 71 23.68 8.63 6.94
N ASN B 72 22.88 9.56 6.42
CA ASN B 72 22.28 10.65 7.20
C ASN B 72 21.01 11.12 6.46
N HIS B 73 20.31 10.17 5.81
CA HIS B 73 19.05 10.44 5.13
C HIS B 73 18.00 9.44 5.61
N TYR B 74 16.84 9.95 6.02
CA TYR B 74 15.85 9.15 6.73
C TYR B 74 14.52 9.13 5.99
N SER B 75 13.70 8.14 6.34
CA SER B 75 12.39 7.91 5.74
C SER B 75 11.53 7.14 6.72
N LEU B 76 10.23 7.09 6.44
CA LEU B 76 9.32 6.46 7.39
C LEU B 76 9.59 4.96 7.46
N GLY B 77 9.35 4.40 8.65
CA GLY B 77 9.70 3.02 8.93
C GLY B 77 8.55 2.06 8.70
N ARG B 78 8.86 0.76 8.86
CA ARG B 78 7.87 -0.27 8.61
C ARG B 78 6.67 -0.14 9.55
N GLU B 79 6.90 0.26 10.80
CA GLU B 79 5.80 0.39 11.76
C GLU B 79 4.79 1.43 11.31
N ALA B 80 5.24 2.45 10.59
CA ALA B 80 4.32 3.44 10.05
C ALA B 80 3.32 2.81 9.10
N LEU B 81 3.75 1.85 8.28
CA LEU B 81 2.79 1.13 7.44
C LEU B 81 1.83 0.34 8.29
N ARG B 82 2.35 -0.34 9.32
CA ARG B 82 1.49 -1.07 10.23
C ARG B 82 0.41 -0.15 10.80
N VAL B 83 0.80 1.04 11.23
CA VAL B 83 -0.15 1.97 11.83
C VAL B 83 -1.07 2.53 10.77
N GLY B 84 -0.60 2.70 9.54
CA GLY B 84 -1.52 3.09 8.49
C GLY B 84 -2.59 2.04 8.28
N LEU B 85 -2.20 0.76 8.28
CA LEU B 85 -3.16 -0.27 7.93
C LEU B 85 -4.10 -0.56 9.09
N ALA B 86 -3.59 -0.53 10.32
CA ALA B 86 -4.45 -0.68 11.49
C ALA B 86 -5.46 0.46 11.56
N ALA B 87 -5.00 1.71 11.40
CA ALA B 87 -5.92 2.85 11.34
C ALA B 87 -7.04 2.61 10.35
N LEU B 88 -6.72 1.99 9.21
CA LEU B 88 -7.77 1.77 8.22
C LEU B 88 -8.66 0.60 8.61
N ASP B 89 -8.09 -0.47 9.18
CA ASP B 89 -8.91 -1.53 9.76
C ASP B 89 -9.85 -0.95 10.81
N SER B 90 -9.35 -0.03 11.63
CA SER B 90 -10.08 0.52 12.76
C SER B 90 -11.24 1.42 12.34
N MET B 91 -11.32 1.79 11.05
CA MET B 91 -12.49 2.50 10.55
C MET B 91 -13.27 1.68 9.54
N ASP B 92 -13.07 0.37 9.55
CA ASP B 92 -13.87 -0.56 8.76
C ASP B 92 -13.83 -0.23 7.26
N VAL B 93 -12.66 0.23 6.78
CA VAL B 93 -12.46 0.51 5.36
C VAL B 93 -11.49 -0.48 4.73
N LEU B 94 -10.44 -0.87 5.46
CA LEU B 94 -9.35 -1.72 4.97
C LEU B 94 -9.82 -3.09 4.50
N LYS B 95 -10.15 -3.97 5.45
CA LYS B 95 -10.56 -5.32 5.10
C LYS B 95 -11.93 -5.35 4.41
N SER B 96 -12.67 -4.24 4.42
CA SER B 96 -13.97 -4.19 3.76
C SER B 96 -13.86 -3.86 2.28
N ALA B 97 -12.88 -3.05 1.90
CA ALA B 97 -12.75 -2.58 0.54
C ALA B 97 -11.49 -3.07 -0.15
N ALA B 98 -10.58 -3.72 0.60
CA ALA B 98 -9.29 -4.12 0.06
C ALA B 98 -9.46 -4.91 -1.25
N ALA B 99 -10.16 -6.06 -1.18
CA ALA B 99 -10.40 -6.82 -2.40
C ALA B 99 -11.23 -6.05 -3.41
N PRO B 100 -12.50 -5.73 -3.17
CA PRO B 100 -13.39 -5.26 -4.27
C PRO B 100 -12.82 -4.13 -5.10
N LEU B 101 -11.95 -3.31 -4.53
CA LEU B 101 -11.34 -2.22 -5.27
C LEU B 101 -10.39 -2.76 -6.33
N ALA B 102 -9.72 -3.87 -6.05
CA ALA B 102 -8.75 -4.43 -7.00
C ALA B 102 -9.41 -5.33 -8.03
N GLU B 103 -10.51 -6.01 -7.66
CA GLU B 103 -11.34 -6.69 -8.66
C GLU B 103 -11.77 -5.70 -9.73
N LEU B 104 -12.20 -4.54 -9.30
CA LEU B 104 -12.85 -3.60 -10.21
C LEU B 104 -11.83 -2.99 -11.15
N ARG B 105 -10.63 -2.71 -10.65
CA ARG B 105 -9.52 -2.32 -11.52
C ARG B 105 -9.26 -3.39 -12.57
N ASP B 106 -9.21 -4.65 -12.13
CA ASP B 106 -8.94 -5.75 -13.04
C ASP B 106 -9.90 -5.73 -14.21
N VAL B 107 -11.19 -5.74 -13.92
CA VAL B 107 -12.15 -5.79 -15.02
C VAL B 107 -12.19 -4.46 -15.76
N LEU B 108 -12.00 -3.33 -15.07
CA LEU B 108 -12.29 -2.06 -15.71
C LEU B 108 -11.19 -1.58 -16.65
N ASN B 109 -9.95 -2.01 -16.44
CA ASN B 109 -8.88 -1.61 -17.34
C ASN B 109 -8.40 -0.18 -17.05
N GLU B 110 -8.73 0.37 -15.88
CA GLU B 110 -8.41 1.74 -15.51
C GLU B 110 -8.17 1.81 -14.01
N THR B 111 -7.42 2.85 -13.60
CA THR B 111 -7.05 3.00 -12.20
C THR B 111 -8.26 3.34 -11.33
N CYS B 112 -8.36 2.67 -10.17
CA CYS B 112 -9.43 2.87 -9.22
C CYS B 112 -8.87 3.32 -7.88
N PHE B 113 -9.62 4.13 -7.14
CA PHE B 113 -9.15 4.48 -5.81
C PHE B 113 -10.30 4.83 -4.87
N LEU B 114 -9.96 4.77 -3.59
CA LEU B 114 -10.90 4.85 -2.49
C LEU B 114 -10.54 6.06 -1.64
N ALA B 115 -11.56 6.79 -1.18
CA ALA B 115 -11.35 8.03 -0.47
C ALA B 115 -12.30 8.10 0.71
N VAL B 116 -11.76 8.40 1.88
CA VAL B 116 -12.58 8.65 3.05
C VAL B 116 -12.68 10.15 3.25
N TRP B 117 -13.61 10.55 4.10
CA TRP B 117 -13.78 11.96 4.43
C TRP B 117 -12.90 12.28 5.63
N GLY B 118 -11.91 13.15 5.42
CA GLY B 118 -10.96 13.50 6.43
C GLY B 118 -11.07 14.96 6.83
N ASN B 119 -10.19 15.36 7.74
CA ASN B 119 -10.21 16.72 8.25
C ASN B 119 -10.19 17.73 7.12
N ARG B 120 -9.32 17.51 6.13
CA ARG B 120 -9.06 18.50 5.09
C ARG B 120 -9.89 18.28 3.83
N GLY B 121 -10.80 17.30 3.83
CA GLY B 121 -11.60 16.98 2.66
C GLY B 121 -11.59 15.51 2.31
N ALA B 122 -11.71 15.17 1.03
CA ALA B 122 -11.66 13.78 0.61
C ALA B 122 -10.20 13.36 0.57
N THR B 123 -9.83 12.40 1.41
CA THR B 123 -8.46 11.91 1.52
C THR B 123 -8.40 10.47 1.01
N VAL B 124 -7.52 10.22 0.04
CA VAL B 124 -7.48 8.92 -0.62
C VAL B 124 -6.64 7.95 0.20
N VAL B 125 -7.21 6.78 0.47
CA VAL B 125 -6.62 5.80 1.37
C VAL B 125 -6.19 4.52 0.68
N GLN B 126 -6.50 4.33 -0.62
CA GLN B 126 -5.97 3.16 -1.34
C GLN B 126 -6.12 3.38 -2.83
N VAL B 127 -5.06 3.13 -3.59
CA VAL B 127 -5.03 3.32 -5.03
C VAL B 127 -4.62 2.02 -5.70
N GLU B 128 -5.48 1.49 -6.56
CA GLU B 128 -5.17 0.28 -7.33
C GLU B 128 -5.06 0.69 -8.81
N GLN B 129 -3.84 0.67 -9.34
CA GLN B 129 -3.59 1.19 -10.68
C GLN B 129 -3.56 0.05 -11.70
N ALA B 130 -4.00 0.37 -12.92
CA ALA B 130 -4.05 -0.63 -13.96
C ALA B 130 -2.65 -0.92 -14.46
N VAL B 131 -2.49 -2.12 -15.02
CA VAL B 131 -1.26 -2.50 -15.68
C VAL B 131 -1.44 -2.18 -17.15
N ARG B 132 -0.60 -1.28 -17.65
CA ARG B 132 -1.01 -0.43 -18.75
C ARG B 132 0.09 0.55 -19.10
N ALA B 133 0.34 0.73 -20.40
CA ALA B 133 1.46 1.56 -20.86
C ALA B 133 1.48 2.91 -20.15
N VAL B 134 0.33 3.60 -20.11
CA VAL B 134 0.25 4.87 -19.39
C VAL B 134 -1.10 4.96 -18.68
N THR B 135 -1.05 5.11 -17.36
CA THR B 135 -2.23 5.30 -16.55
C THR B 135 -2.31 6.73 -16.05
N VAL B 136 -3.06 6.91 -14.99
CA VAL B 136 -3.20 8.19 -14.30
C VAL B 136 -3.52 7.85 -12.86
N VAL B 137 -2.75 8.41 -11.93
CA VAL B 137 -2.80 8.00 -10.55
C VAL B 137 -3.01 9.23 -9.68
N THR B 138 -3.36 8.97 -8.43
CA THR B 138 -3.33 9.95 -7.38
C THR B 138 -2.60 9.32 -6.20
N GLN B 139 -2.00 10.16 -5.37
CA GLN B 139 -1.20 9.66 -4.26
C GLN B 139 -2.10 9.21 -3.13
N VAL B 140 -1.90 7.99 -2.63
CA VAL B 140 -2.53 7.60 -1.38
C VAL B 140 -2.17 8.64 -0.32
N GLY B 141 -3.18 9.09 0.42
CA GLY B 141 -2.96 10.09 1.45
C GLY B 141 -3.05 11.52 0.98
N SER B 142 -3.45 11.75 -0.27
CA SER B 142 -3.64 13.10 -0.78
C SER B 142 -5.11 13.48 -0.74
N VAL B 143 -5.36 14.78 -0.89
CA VAL B 143 -6.64 15.39 -0.58
C VAL B 143 -7.17 16.06 -1.84
N LEU B 144 -8.40 15.73 -2.23
CA LEU B 144 -9.02 16.25 -3.44
C LEU B 144 -10.13 17.23 -3.08
N PRO B 145 -10.35 18.26 -3.91
CA PRO B 145 -11.23 19.36 -3.50
C PRO B 145 -12.70 18.97 -3.49
N LEU B 146 -13.46 19.61 -2.61
CA LEU B 146 -14.87 19.27 -2.44
C LEU B 146 -15.64 19.47 -3.74
N LEU B 147 -15.47 20.62 -4.39
CA LEU B 147 -16.25 20.97 -5.57
C LEU B 147 -15.49 20.80 -6.88
N GLY B 148 -14.18 20.62 -6.84
CA GLY B 148 -13.38 20.49 -8.04
C GLY B 148 -13.14 19.08 -8.51
N SER B 149 -13.64 18.07 -7.80
CA SER B 149 -13.37 16.68 -8.10
C SER B 149 -14.65 15.86 -7.95
N SER B 150 -14.78 14.85 -8.80
CA SER B 150 -15.93 13.95 -8.70
C SER B 150 -15.95 13.25 -7.35
N THR B 151 -14.77 12.91 -6.82
CA THR B 151 -14.69 12.31 -5.49
C THR B 151 -15.27 13.22 -4.41
N GLY B 152 -15.03 14.53 -4.51
CA GLY B 152 -15.57 15.47 -3.54
C GLY B 152 -17.03 15.84 -3.78
N LEU B 153 -17.37 16.14 -5.04
CA LEU B 153 -18.75 16.43 -5.40
C LEU B 153 -19.69 15.38 -4.84
N VAL B 154 -19.31 14.10 -4.93
CA VAL B 154 -20.11 13.04 -4.33
C VAL B 154 -20.22 13.26 -2.83
N PHE B 155 -19.07 13.43 -2.16
CA PHE B 155 -19.11 13.75 -0.74
C PHE B 155 -20.03 14.94 -0.44
N ALA B 156 -20.01 15.95 -1.31
CA ALA B 156 -20.92 17.07 -1.10
C ALA B 156 -22.37 16.62 -1.23
N ALA B 157 -22.63 15.70 -2.16
CA ALA B 157 -24.00 15.28 -2.42
C ALA B 157 -24.60 14.57 -1.21
N PHE B 158 -23.82 13.72 -0.55
CA PHE B 158 -24.36 12.82 0.46
C PHE B 158 -23.94 13.17 1.87
N LEU B 159 -23.20 14.24 2.06
CA LEU B 159 -22.83 14.53 3.43
C LEU B 159 -23.72 15.64 3.99
N PRO B 160 -23.95 15.64 5.30
CA PRO B 160 -24.65 16.77 5.92
C PRO B 160 -23.97 18.08 5.57
N GLU B 161 -24.78 19.04 5.11
CA GLU B 161 -24.26 20.36 4.73
C GLU B 161 -23.39 20.97 5.81
N ARG B 162 -23.67 20.63 7.07
CA ARG B 162 -22.86 21.10 8.19
C ARG B 162 -21.39 20.68 8.04
N GLU B 163 -21.15 19.39 7.74
CA GLU B 163 -19.81 18.84 7.81
C GLU B 163 -18.86 19.43 6.77
N VAL B 164 -19.37 19.95 5.66
CA VAL B 164 -18.53 20.39 4.55
C VAL B 164 -18.68 21.87 4.27
N ALA B 165 -19.50 22.60 5.04
CA ALA B 165 -19.75 24.00 4.75
C ALA B 165 -18.50 24.85 4.87
N GLU B 166 -17.54 24.41 5.69
CA GLU B 166 -16.29 25.16 5.86
C GLU B 166 -15.48 25.18 4.57
N LEU B 167 -15.26 24.02 3.98
CA LEU B 167 -14.39 23.96 2.81
C LEU B 167 -15.09 24.53 1.59
N ARG B 168 -16.39 24.26 1.45
CA ARG B 168 -17.16 24.86 0.37
C ARG B 168 -16.97 26.37 0.36
N GLU B 169 -17.27 27.01 1.48
CA GLU B 169 -16.96 28.43 1.64
C GLU B 169 -15.48 28.72 1.41
N GLU B 170 -14.61 27.77 1.75
CA GLU B 170 -13.17 28.00 1.57
C GLU B 170 -12.79 28.03 0.09
N GLU B 171 -13.37 27.15 -0.71
CA GLU B 171 -12.99 27.10 -2.12
C GLU B 171 -13.55 28.29 -2.91
N LEU B 172 -14.66 28.86 -2.47
CA LEU B 172 -15.29 29.96 -3.22
C LEU B 172 -14.38 31.17 -3.36
N LEU B 180 -18.84 25.91 -8.34
CA LEU B 180 -20.11 26.42 -8.79
C LEU B 180 -20.64 27.35 -7.74
N ALA B 181 -20.40 28.63 -7.92
CA ALA B 181 -20.83 29.63 -6.95
C ALA B 181 -22.33 29.73 -6.70
N ASP B 182 -23.08 30.32 -7.63
CA ASP B 182 -24.50 30.49 -7.35
C ASP B 182 -25.04 29.28 -6.59
N PRO B 183 -25.84 29.51 -5.54
CA PRO B 183 -26.26 28.38 -4.70
C PRO B 183 -27.17 27.42 -5.42
N ALA B 184 -28.15 27.93 -6.18
CA ALA B 184 -29.11 27.06 -6.84
C ALA B 184 -28.47 26.14 -7.87
N ALA B 185 -27.36 26.54 -8.48
CA ALA B 185 -26.60 25.62 -9.33
C ALA B 185 -26.05 24.46 -8.52
N TYR B 186 -25.41 24.75 -7.38
CA TYR B 186 -25.05 23.70 -6.42
C TYR B 186 -26.22 22.76 -6.20
N ALA B 187 -27.34 23.29 -5.69
CA ALA B 187 -28.47 22.43 -5.34
C ALA B 187 -28.89 21.52 -6.48
N VAL B 188 -28.90 22.02 -7.75
CA VAL B 188 -29.34 21.14 -8.84
C VAL B 188 -28.39 19.96 -8.94
N LEU B 189 -27.08 20.23 -8.94
CA LEU B 189 -26.12 19.15 -9.21
C LEU B 189 -26.15 18.09 -8.10
N LEU B 190 -26.37 18.49 -6.83
CA LEU B 190 -26.31 17.49 -5.76
C LEU B 190 -27.62 16.71 -5.60
N GLU B 191 -28.76 17.28 -5.98
CA GLU B 191 -29.93 16.44 -6.13
C GLU B 191 -29.69 15.39 -7.20
N GLY B 192 -29.20 15.83 -8.36
CA GLY B 192 -28.99 14.92 -9.47
C GLY B 192 -28.04 13.79 -9.13
N ILE B 193 -27.01 14.08 -8.33
CA ILE B 193 -26.02 13.06 -8.03
C ILE B 193 -26.61 11.99 -7.11
N ARG B 194 -27.48 12.40 -6.19
CA ARG B 194 -28.16 11.43 -5.34
C ARG B 194 -29.16 10.60 -6.13
N ALA B 195 -29.94 11.25 -6.99
CA ALA B 195 -30.87 10.50 -7.83
C ALA B 195 -30.14 9.47 -8.67
N ARG B 196 -28.99 9.83 -9.25
CA ARG B 196 -28.27 8.88 -10.10
C ARG B 196 -27.49 7.88 -9.27
N GLY B 197 -26.93 8.32 -8.15
CA GLY B 197 -26.08 7.45 -7.37
C GLY B 197 -24.61 7.53 -7.68
N LEU B 198 -24.18 8.50 -8.53
CA LEU B 198 -22.78 8.76 -8.87
C LEU B 198 -22.66 10.13 -9.53
N HIS B 199 -21.41 10.63 -9.62
CA HIS B 199 -21.06 11.74 -10.51
C HIS B 199 -19.79 11.38 -11.28
N ALA B 200 -19.76 11.77 -12.55
CA ALA B 200 -18.55 11.70 -13.36
C ALA B 200 -18.18 13.11 -13.78
N ILE B 201 -16.93 13.51 -13.51
CA ILE B 201 -16.44 14.83 -13.88
C ILE B 201 -15.78 14.74 -15.26
N HIS B 202 -15.58 15.89 -15.90
CA HIS B 202 -14.70 15.99 -17.06
C HIS B 202 -13.94 17.32 -16.94
N GLY B 203 -12.67 17.24 -16.51
CA GLY B 203 -11.75 18.33 -16.64
C GLY B 203 -11.67 19.29 -15.47
N LEU B 204 -12.50 19.14 -14.42
CA LEU B 204 -12.44 20.11 -13.32
C LEU B 204 -11.15 19.95 -12.51
N LEU B 205 -10.66 18.73 -12.33
CA LEU B 205 -9.28 18.61 -11.87
C LEU B 205 -8.33 19.21 -12.89
N MET B 206 -8.39 18.72 -14.12
CA MET B 206 -7.39 19.05 -15.13
C MET B 206 -7.94 18.66 -16.49
N PRO B 207 -7.67 19.46 -17.52
CA PRO B 207 -8.03 19.06 -18.89
C PRO B 207 -7.73 17.60 -19.19
N GLY B 208 -8.72 16.73 -19.06
CA GLY B 208 -8.53 15.35 -19.45
C GLY B 208 -8.72 14.32 -18.36
N VAL B 209 -9.69 14.53 -17.46
CA VAL B 209 -10.01 13.54 -16.45
C VAL B 209 -11.23 12.72 -16.90
N GLU B 210 -11.36 11.55 -16.30
CA GLU B 210 -12.47 10.64 -16.55
C GLU B 210 -13.35 10.57 -15.30
N ALA B 211 -12.77 10.80 -14.13
CA ALA B 211 -13.57 10.82 -12.92
C ALA B 211 -14.36 9.54 -12.61
N LEU B 212 -15.68 9.69 -12.46
CA LEU B 212 -16.67 8.66 -12.12
C LEU B 212 -16.54 8.07 -10.73
N SER B 213 -17.25 8.68 -9.79
CA SER B 213 -17.22 8.29 -8.38
C SER B 213 -18.57 7.87 -7.82
N ALA B 214 -18.58 6.93 -6.89
CA ALA B 214 -19.82 6.46 -6.23
C ALA B 214 -19.66 6.31 -4.73
N PRO B 215 -20.69 6.64 -3.96
CA PRO B 215 -20.60 6.55 -2.49
C PRO B 215 -20.56 5.12 -1.98
N VAL B 216 -20.05 4.98 -0.75
CA VAL B 216 -20.07 3.74 0.03
C VAL B 216 -20.70 4.04 1.37
N PHE B 217 -21.68 3.23 1.77
CA PHE B 217 -22.50 3.53 2.95
C PHE B 217 -22.18 2.58 4.10
N ASP B 218 -22.17 3.14 5.32
CA ASP B 218 -21.81 2.39 6.51
C ASP B 218 -23.08 1.80 7.13
N ALA B 219 -22.94 1.21 8.31
CA ALA B 219 -24.03 0.43 8.88
C ALA B 219 -25.28 1.27 9.07
N ARG B 220 -25.10 2.58 9.27
CA ARG B 220 -26.21 3.48 9.59
C ARG B 220 -26.68 4.28 8.39
N GLY B 221 -26.11 4.04 7.22
CA GLY B 221 -26.57 4.75 6.06
C GLY B 221 -25.82 6.00 5.69
N ARG B 222 -24.77 6.31 6.42
CA ARG B 222 -23.97 7.46 6.08
C ARG B 222 -22.96 7.10 5.01
N VAL B 223 -22.34 8.09 4.41
CA VAL B 223 -21.35 7.83 3.39
C VAL B 223 -20.02 7.76 4.08
N ALA B 224 -19.44 6.58 4.12
CA ALA B 224 -18.16 6.36 4.79
C ALA B 224 -16.96 6.51 3.84
N ALA B 225 -17.17 6.31 2.54
CA ALA B 225 -16.10 6.44 1.58
C ALA B 225 -16.68 6.78 0.22
N VAL B 226 -15.81 7.12 -0.73
CA VAL B 226 -16.21 7.21 -2.13
C VAL B 226 -15.21 6.43 -2.96
N LEU B 227 -15.73 5.66 -3.93
CA LEU B 227 -14.93 4.86 -4.84
C LEU B 227 -14.91 5.56 -6.19
N THR B 228 -13.70 5.85 -6.69
CA THR B 228 -13.50 6.71 -7.86
C THR B 228 -12.53 6.02 -8.83
N VAL B 229 -12.99 5.81 -10.05
CA VAL B 229 -12.16 5.27 -11.13
C VAL B 229 -11.67 6.46 -11.94
N VAL B 230 -10.53 6.38 -12.61
CA VAL B 230 -9.98 7.60 -13.22
C VAL B 230 -9.11 7.25 -14.42
N GLY B 231 -9.06 8.17 -15.40
CA GLY B 231 -8.36 7.99 -16.66
C GLY B 231 -8.53 9.19 -17.59
N PRO B 232 -7.94 9.14 -18.79
CA PRO B 232 -8.57 9.91 -19.88
C PRO B 232 -9.12 9.06 -21.02
N ALA B 238 -15.96 8.20 -19.32
CA ALA B 238 -16.34 9.01 -18.17
C ALA B 238 -17.86 9.23 -18.11
N GLU B 239 -18.62 8.15 -18.00
CA GLU B 239 -20.04 8.12 -18.36
C GLU B 239 -20.92 7.91 -17.14
N GLU B 240 -21.99 8.68 -17.02
CA GLU B 240 -22.86 8.43 -15.89
C GLU B 240 -23.74 7.20 -16.15
N GLN B 241 -23.73 6.67 -17.38
CA GLN B 241 -24.80 5.82 -17.85
C GLN B 241 -24.37 4.48 -18.45
N GLY B 242 -23.10 4.26 -18.74
CA GLY B 242 -22.71 3.09 -19.50
C GLY B 242 -22.00 2.00 -18.71
N PRO B 243 -21.40 1.06 -19.45
CA PRO B 243 -20.81 -0.16 -18.87
C PRO B 243 -20.04 -0.03 -17.55
N ALA B 244 -19.09 0.91 -17.46
CA ALA B 244 -18.31 1.06 -16.23
C ALA B 244 -19.18 1.48 -15.04
N ALA B 245 -20.28 2.19 -15.29
CA ALA B 245 -21.08 2.73 -14.18
C ALA B 245 -21.74 1.61 -13.39
N GLU B 246 -22.14 0.55 -14.08
CA GLU B 246 -22.82 -0.54 -13.39
C GLU B 246 -21.85 -1.34 -12.52
N ARG B 247 -20.68 -1.71 -13.07
CA ARG B 247 -19.69 -2.43 -12.28
C ARG B 247 -19.12 -1.59 -11.16
N LEU B 248 -19.10 -0.27 -11.30
CA LEU B 248 -18.75 0.55 -10.15
C LEU B 248 -19.88 0.58 -9.14
N LEU B 249 -21.09 0.88 -9.62
CA LEU B 249 -22.26 0.83 -8.75
C LEU B 249 -22.45 -0.57 -8.20
N ALA B 250 -22.15 -1.59 -8.98
CA ALA B 250 -22.28 -2.95 -8.47
C ALA B 250 -21.28 -3.20 -7.36
N THR B 251 -20.06 -2.69 -7.53
CA THR B 251 -19.04 -2.96 -6.52
C THR B 251 -19.25 -2.05 -5.32
N THR B 252 -19.71 -0.83 -5.55
CA THR B 252 -19.92 0.05 -4.41
C THR B 252 -21.20 -0.30 -3.66
N ARG B 253 -22.27 -0.66 -4.38
CA ARG B 253 -23.50 -1.04 -3.68
C ARG B 253 -23.30 -2.33 -2.90
N ALA B 254 -22.48 -3.24 -3.42
CA ALA B 254 -22.20 -4.49 -2.72
C ALA B 254 -21.43 -4.22 -1.44
N ILE B 255 -20.23 -3.64 -1.58
CA ILE B 255 -19.28 -3.38 -0.49
C ILE B 255 -19.94 -2.78 0.74
N SER B 256 -21.12 -2.17 0.57
CA SER B 256 -21.84 -1.64 1.72
C SER B 256 -22.16 -2.71 2.76
N TRP B 257 -22.56 -3.92 2.34
CA TRP B 257 -23.17 -4.83 3.31
C TRP B 257 -22.15 -5.47 4.24
N ARG B 258 -20.91 -5.65 3.81
CA ARG B 258 -19.89 -6.16 4.72
C ARG B 258 -19.25 -5.06 5.54
N MET B 259 -19.57 -3.80 5.24
CA MET B 259 -19.25 -2.65 6.06
C MET B 259 -20.48 -2.07 6.73
N GLY B 260 -21.51 -1.75 5.94
CA GLY B 260 -22.81 -1.34 6.44
C GLY B 260 -23.73 -2.52 6.61
N TYR B 261 -25.01 -2.36 6.28
CA TYR B 261 -25.97 -3.47 6.24
C TYR B 261 -27.38 -3.01 5.87
#